data_1Y7E
#
_entry.id   1Y7E
#
_cell.length_a   244.271
_cell.length_b   244.271
_cell.length_c   244.271
_cell.angle_alpha   90.00
_cell.angle_beta   90.00
_cell.angle_gamma   90.00
#
_symmetry.space_group_name_H-M   'F 4 3 2'
#
loop_
_entity.id
_entity.type
_entity.pdbx_description
1 polymer 'Probable M18-family aminopeptidase 1'
2 water water
#
_entity_poly.entity_id   1
_entity_poly.type   'polypeptide(L)'
_entity_poly.pdbx_seq_one_letter_code
;MKKQNPWIYLNEEEKNQILNFSESYKKFISKFKTEREVTAYALDKAKKLGFINAEEKKNL(MSE)PGDKIFYTCREKSVA
FAIIGKNPIEDG(MSE)NFIVSHTDSPRLDAKPSPISEENELTFIKTNYYGGIKKYQWLSTPLSIRGVVFLKNGEKVEIN
IGDNENDPVFVIPDILPHLDRKIQRNKKSDEIVEGENLKILIGSLPIETKEKNKVKLATLQLIKEKYKIEEEDFVSSEIE
IVPAGTAKDVGFDKALIGAYGQDDKICVFTSLESIFDLEETPNKTAICFLVDKEEIGSTGSTGLDSRYLEYFVSD(MSE)
IFKIKKSEYNNLHVQKALWNSKSISADVCAAINPLFSSVHDEQNAPQLGYGIPI(MSE)KYTGHGGKSMASDADAELVSY
IRQLLNKNNIAWQVATLGKVEEGGGGTVAKFLAGYGIRTID(MSE)GPAVIS(MSE)HSP(MSE)EITSKFDLYNAYLAY
KAFYRE
;
_entity_poly.pdbx_strand_id   A
#
# COMPACT_ATOMS: atom_id res chain seq x y z
N GLN A 4 -15.46 18.39 18.92
CA GLN A 4 -16.05 19.37 17.98
C GLN A 4 -16.26 18.80 16.56
N ASN A 5 -15.53 17.73 16.24
CA ASN A 5 -15.61 17.07 14.93
C ASN A 5 -15.47 18.09 13.81
N PRO A 6 -14.30 18.15 13.19
CA PRO A 6 -13.93 19.05 12.10
C PRO A 6 -14.99 19.34 11.04
N TRP A 7 -15.77 18.33 10.68
CA TRP A 7 -16.79 18.49 9.65
C TRP A 7 -17.60 19.78 9.75
N ILE A 8 -18.01 20.10 10.97
CA ILE A 8 -18.81 21.30 11.25
C ILE A 8 -18.29 22.64 10.72
N TYR A 9 -16.98 22.84 10.77
CA TYR A 9 -16.39 24.11 10.32
C TYR A 9 -16.17 24.22 8.82
N LEU A 10 -16.57 23.20 8.08
CA LEU A 10 -16.39 23.18 6.62
C LEU A 10 -17.52 23.85 5.83
N ASN A 11 -17.30 24.03 4.52
CA ASN A 11 -18.31 24.63 3.65
C ASN A 11 -18.50 23.72 2.42
N GLU A 12 -19.67 23.83 1.78
CA GLU A 12 -20.03 23.02 0.61
C GLU A 12 -18.87 22.80 -0.36
N GLU A 13 -18.09 23.86 -0.59
CA GLU A 13 -16.94 23.78 -1.48
C GLU A 13 -16.07 22.64 -0.94
N GLU A 14 -15.32 22.95 0.12
CA GLU A 14 -14.43 21.99 0.77
C GLU A 14 -15.09 20.62 0.89
N LYS A 15 -16.33 20.60 1.37
CA LYS A 15 -17.04 19.35 1.53
C LYS A 15 -17.08 18.55 0.25
N ASN A 16 -17.25 19.22 -0.89
CA ASN A 16 -17.28 18.51 -2.17
C ASN A 16 -15.88 18.04 -2.54
N GLN A 17 -14.85 18.84 -2.21
CA GLN A 17 -13.46 18.47 -2.50
C GLN A 17 -13.16 17.11 -1.88
N ILE A 18 -13.67 16.91 -0.67
CA ILE A 18 -13.48 15.67 0.06
C ILE A 18 -14.19 14.52 -0.64
N LEU A 19 -15.47 14.71 -0.93
CA LEU A 19 -16.29 13.69 -1.58
C LEU A 19 -15.76 13.22 -2.93
N ASN A 20 -15.06 14.09 -3.64
CA ASN A 20 -14.50 13.73 -4.94
C ASN A 20 -13.22 12.96 -4.75
N PHE A 21 -12.36 13.46 -3.89
CA PHE A 21 -11.08 12.83 -3.59
C PHE A 21 -11.32 11.40 -3.13
N SER A 22 -12.45 11.20 -2.45
CA SER A 22 -12.80 9.89 -1.93
C SER A 22 -13.31 8.93 -3.00
N GLU A 23 -13.98 9.46 -4.02
CA GLU A 23 -14.48 8.60 -5.09
C GLU A 23 -13.26 8.06 -5.80
N SER A 24 -12.25 8.91 -5.94
CA SER A 24 -11.01 8.51 -6.60
C SER A 24 -10.38 7.40 -5.78
N TYR A 25 -10.26 7.66 -4.48
CA TYR A 25 -9.68 6.69 -3.57
C TYR A 25 -10.38 5.36 -3.68
N LYS A 26 -11.69 5.37 -3.91
CA LYS A 26 -12.44 4.12 -4.02
C LYS A 26 -12.10 3.37 -5.30
N LYS A 27 -12.35 3.99 -6.45
CA LYS A 27 -12.05 3.36 -7.72
C LYS A 27 -10.65 2.76 -7.62
N PHE A 28 -9.84 3.32 -6.73
CA PHE A 28 -8.45 2.89 -6.53
C PHE A 28 -8.33 1.60 -5.72
N ILE A 29 -8.60 1.64 -4.42
CA ILE A 29 -8.48 0.42 -3.59
C ILE A 29 -9.38 -0.70 -4.12
N SER A 30 -10.46 -0.30 -4.80
CA SER A 30 -11.37 -1.29 -5.35
C SER A 30 -10.59 -2.10 -6.38
N LYS A 31 -9.83 -1.40 -7.22
CA LYS A 31 -9.05 -2.07 -8.26
C LYS A 31 -7.78 -2.77 -7.78
N PHE A 32 -6.81 -1.99 -7.34
CA PHE A 32 -5.53 -2.51 -6.88
C PHE A 32 -5.55 -2.99 -5.44
N LYS A 33 -5.39 -4.31 -5.27
CA LYS A 33 -5.44 -4.91 -3.94
C LYS A 33 -4.13 -5.54 -3.46
N THR A 34 -3.27 -5.94 -4.39
CA THR A 34 -1.99 -6.56 -4.03
C THR A 34 -0.82 -5.62 -4.25
N GLU A 35 0.30 -5.92 -3.59
CA GLU A 35 1.50 -5.09 -3.69
C GLU A 35 1.89 -4.81 -5.13
N ARG A 36 1.92 -5.84 -5.97
CA ARG A 36 2.28 -5.66 -7.36
C ARG A 36 1.31 -4.71 -8.04
N GLU A 37 0.02 -4.98 -7.90
CA GLU A 37 -1.02 -4.16 -8.50
C GLU A 37 -0.93 -2.70 -8.10
N VAL A 38 -0.72 -2.44 -6.82
CA VAL A 38 -0.59 -1.08 -6.34
C VAL A 38 0.67 -0.42 -6.89
N THR A 39 1.74 -1.21 -7.02
CA THR A 39 2.99 -0.69 -7.54
C THR A 39 2.78 -0.21 -8.97
N ALA A 40 2.13 -1.04 -9.77
CA ALA A 40 1.88 -0.70 -11.18
C ALA A 40 1.06 0.58 -11.24
N TYR A 41 0.01 0.64 -10.43
CA TYR A 41 -0.82 1.82 -10.37
C TYR A 41 0.09 3.03 -10.19
N ALA A 42 0.78 3.05 -9.05
CA ALA A 42 1.69 4.13 -8.71
C ALA A 42 2.59 4.47 -9.88
N LEU A 43 3.30 3.47 -10.39
CA LEU A 43 4.20 3.66 -11.52
C LEU A 43 3.59 4.29 -12.75
N ASP A 44 2.43 3.80 -13.17
CA ASP A 44 1.76 4.33 -14.35
C ASP A 44 1.32 5.79 -14.15
N LYS A 45 0.92 6.12 -12.93
CA LYS A 45 0.51 7.49 -12.64
C LYS A 45 1.69 8.45 -12.82
N ALA A 46 2.84 8.06 -12.29
CA ALA A 46 4.04 8.87 -12.35
C ALA A 46 4.62 8.86 -13.75
N LYS A 47 4.38 7.78 -14.50
CA LYS A 47 4.89 7.68 -15.86
C LYS A 47 4.25 8.85 -16.60
N LYS A 48 2.95 9.03 -16.37
CA LYS A 48 2.20 10.14 -16.93
C LYS A 48 2.62 11.24 -15.96
N LEU A 49 2.00 12.40 -16.00
CA LEU A 49 2.43 13.43 -15.06
C LEU A 49 3.90 13.79 -15.27
N GLY A 50 4.62 12.93 -15.96
CA GLY A 50 6.00 13.22 -16.28
C GLY A 50 7.19 12.70 -15.52
N PHE A 51 7.03 11.71 -14.65
CA PHE A 51 8.20 11.20 -13.94
C PHE A 51 9.02 10.27 -14.82
N ILE A 52 10.34 10.41 -14.72
CA ILE A 52 11.25 9.60 -15.52
C ILE A 52 12.05 8.58 -14.70
N ASN A 53 12.37 7.47 -15.34
CA ASN A 53 13.14 6.42 -14.69
C ASN A 53 14.50 6.99 -14.33
N ALA A 54 15.09 6.50 -13.26
CA ALA A 54 16.39 6.96 -12.80
C ALA A 54 17.42 6.94 -13.92
N GLU A 55 17.50 5.83 -14.66
CA GLU A 55 18.45 5.73 -15.76
C GLU A 55 17.94 6.64 -16.88
N GLU A 56 18.69 6.76 -17.97
CA GLU A 56 18.25 7.65 -19.05
C GLU A 56 18.32 9.07 -18.49
N LYS A 57 18.74 9.16 -17.24
CA LYS A 57 18.86 10.41 -16.53
C LYS A 57 20.22 10.47 -15.81
N LYS A 58 21.18 11.15 -16.41
CA LYS A 58 22.49 11.32 -15.80
C LYS A 58 22.45 12.71 -15.18
N ASN A 59 21.41 13.44 -15.60
CA ASN A 59 21.17 14.79 -15.17
C ASN A 59 20.33 14.77 -13.88
N LEU A 60 20.41 15.83 -13.08
CA LEU A 60 19.59 15.98 -11.87
C LEU A 60 19.41 17.43 -11.45
N MSE A 61 18.36 18.05 -11.96
CA MSE A 61 18.06 19.46 -11.69
C MSE A 61 16.79 19.71 -10.87
O MSE A 61 15.88 18.89 -10.86
CB MSE A 61 17.93 20.22 -13.01
CG MSE A 61 19.22 20.31 -13.79
SE MSE A 61 20.58 21.08 -12.68
CE MSE A 61 20.09 22.94 -12.84
N PRO A 62 16.74 20.84 -10.17
CA PRO A 62 15.56 21.18 -9.37
C PRO A 62 14.32 21.08 -10.25
N GLY A 63 13.27 20.48 -9.72
CA GLY A 63 12.05 20.35 -10.49
C GLY A 63 12.02 19.05 -11.26
N ASP A 64 13.16 18.36 -11.28
CA ASP A 64 13.24 17.08 -11.96
C ASP A 64 12.35 16.07 -11.24
N LYS A 65 11.48 15.41 -12.00
CA LYS A 65 10.60 14.40 -11.43
C LYS A 65 11.11 13.06 -11.92
N ILE A 66 11.63 12.24 -11.01
CA ILE A 66 12.17 10.94 -11.38
C ILE A 66 11.55 9.87 -10.52
N PHE A 67 11.93 8.62 -10.78
CA PHE A 67 11.43 7.49 -9.99
C PHE A 67 12.38 6.29 -10.08
N TYR A 68 12.44 5.53 -9.00
CA TYR A 68 13.28 4.33 -8.92
C TYR A 68 12.43 3.08 -8.72
N THR A 69 12.61 2.10 -9.58
CA THR A 69 11.86 0.87 -9.47
C THR A 69 12.69 -0.19 -8.72
N CYS A 70 12.07 -0.89 -7.78
CA CYS A 70 12.80 -1.91 -7.03
C CYS A 70 12.65 -3.21 -7.78
N ARG A 71 11.59 -3.95 -7.49
CA ARG A 71 11.31 -5.21 -8.13
C ARG A 71 9.82 -5.50 -8.10
N GLU A 72 9.09 -4.72 -8.90
CA GLU A 72 7.63 -4.80 -9.03
C GLU A 72 6.80 -4.78 -7.75
N LYS A 73 7.45 -4.60 -6.61
CA LYS A 73 6.75 -4.58 -5.32
C LYS A 73 7.01 -3.30 -4.53
N SER A 74 7.89 -2.45 -5.08
CA SER A 74 8.26 -1.20 -4.44
C SER A 74 8.64 -0.14 -5.50
N VAL A 75 8.54 1.14 -5.14
CA VAL A 75 8.87 2.23 -6.06
C VAL A 75 9.48 3.42 -5.33
N ALA A 76 10.10 4.32 -6.07
CA ALA A 76 10.71 5.50 -5.49
C ALA A 76 9.83 6.71 -5.61
N PHE A 77 10.01 7.47 -6.69
CA PHE A 77 9.25 8.71 -6.91
C PHE A 77 9.89 9.85 -6.14
N ALA A 78 10.65 10.67 -6.84
CA ALA A 78 11.32 11.79 -6.24
C ALA A 78 11.24 12.97 -7.19
N ILE A 79 11.05 14.14 -6.61
CA ILE A 79 11.01 15.40 -7.35
C ILE A 79 12.17 16.15 -6.72
N ILE A 80 13.23 16.40 -7.48
CA ILE A 80 14.38 17.10 -6.95
C ILE A 80 14.02 18.55 -6.60
N GLY A 81 14.46 18.98 -5.43
CA GLY A 81 14.16 20.33 -4.97
C GLY A 81 15.30 21.33 -5.15
N LYS A 82 14.99 22.60 -4.90
CA LYS A 82 15.95 23.70 -5.04
C LYS A 82 17.20 23.64 -4.15
N ASN A 83 17.04 23.40 -2.85
CA ASN A 83 18.17 23.34 -1.94
C ASN A 83 19.10 22.18 -2.27
N PRO A 84 20.35 22.26 -1.80
CA PRO A 84 21.36 21.22 -2.04
C PRO A 84 20.87 19.90 -1.46
N ILE A 85 20.90 18.86 -2.29
CA ILE A 85 20.45 17.54 -1.86
C ILE A 85 21.15 17.11 -0.57
N GLU A 86 22.25 17.77 -0.27
CA GLU A 86 23.03 17.48 0.93
C GLU A 86 22.32 17.99 2.17
N ASP A 87 21.60 19.10 2.05
CA ASP A 87 20.92 19.66 3.21
C ASP A 87 19.72 18.85 3.67
N GLY A 88 19.42 17.75 2.96
CA GLY A 88 18.30 16.92 3.37
C GLY A 88 17.16 16.80 2.37
N MSE A 89 16.35 15.76 2.57
CA MSE A 89 15.20 15.46 1.72
C MSE A 89 14.05 15.08 2.65
O MSE A 89 14.27 14.91 3.86
CB MSE A 89 15.51 14.25 0.84
CG MSE A 89 16.92 14.28 0.28
SE MSE A 89 17.57 12.52 -0.20
CE MSE A 89 16.85 12.40 -1.98
N ASN A 90 12.85 14.96 2.11
CA ASN A 90 11.67 14.57 2.89
C ASN A 90 11.05 13.29 2.32
N PHE A 91 11.05 12.22 3.13
CA PHE A 91 10.51 10.94 2.68
C PHE A 91 9.14 10.69 3.28
N ILE A 92 8.31 9.89 2.60
CA ILE A 92 6.99 9.57 3.11
C ILE A 92 6.87 8.11 3.50
N VAL A 93 7.33 7.22 2.65
CA VAL A 93 7.30 5.78 2.95
C VAL A 93 6.01 5.13 3.49
N SER A 94 5.41 4.27 2.68
CA SER A 94 4.18 3.55 3.06
C SER A 94 4.30 2.15 2.49
N HIS A 95 3.72 1.14 3.14
CA HIS A 95 3.84 -0.19 2.58
C HIS A 95 2.71 -0.55 1.61
N THR A 96 3.13 -1.09 0.47
CA THR A 96 2.23 -1.50 -0.59
C THR A 96 1.39 -2.74 -0.25
N ASP A 97 1.97 -3.66 0.50
CA ASP A 97 1.29 -4.89 0.90
C ASP A 97 0.21 -4.74 1.99
N SER A 98 -0.61 -5.77 2.10
CA SER A 98 -1.71 -5.87 3.07
C SER A 98 -1.98 -7.35 3.28
N PRO A 99 -2.62 -7.73 4.40
CA PRO A 99 -2.95 -9.12 4.73
C PRO A 99 -3.77 -9.91 3.69
N ARG A 100 -3.30 -11.11 3.36
CA ARG A 100 -3.98 -11.98 2.41
C ARG A 100 -3.69 -13.46 2.64
N LEU A 101 -3.89 -14.29 1.61
CA LEU A 101 -3.70 -15.71 1.81
C LEU A 101 -2.52 -16.45 1.22
N ASP A 102 -2.03 -16.08 0.04
CA ASP A 102 -0.86 -16.81 -0.48
C ASP A 102 -0.99 -18.33 -0.60
N ALA A 103 -1.24 -18.84 -1.81
CA ALA A 103 -1.36 -20.27 -2.00
C ALA A 103 -0.01 -20.96 -1.79
N LYS A 104 0.00 -22.21 -1.33
CA LYS A 104 1.23 -22.95 -1.13
C LYS A 104 1.93 -23.26 -2.45
N PRO A 105 3.24 -23.60 -2.41
CA PRO A 105 4.02 -23.93 -3.60
C PRO A 105 3.34 -25.01 -4.45
N SER A 106 2.77 -25.98 -3.76
CA SER A 106 2.04 -27.08 -4.38
C SER A 106 0.70 -26.96 -3.65
N PRO A 107 -0.21 -26.13 -4.18
CA PRO A 107 -1.52 -25.89 -3.59
C PRO A 107 -2.72 -26.71 -4.01
N ILE A 108 -2.77 -27.14 -5.26
CA ILE A 108 -3.96 -27.87 -5.72
C ILE A 108 -4.17 -29.25 -5.12
N SER A 109 -5.34 -29.45 -4.51
CA SER A 109 -5.66 -30.74 -3.90
C SER A 109 -7.16 -31.00 -3.88
N GLU A 110 -7.51 -32.29 -3.90
CA GLU A 110 -8.90 -32.68 -3.86
C GLU A 110 -9.21 -33.35 -2.53
N GLU A 111 -10.37 -33.01 -1.97
CA GLU A 111 -10.80 -33.58 -0.71
C GLU A 111 -12.30 -33.78 -0.74
N ASN A 112 -12.72 -35.03 -0.59
CA ASN A 112 -14.14 -35.36 -0.56
C ASN A 112 -14.85 -34.84 -1.81
N GLU A 113 -14.29 -35.13 -2.98
CA GLU A 113 -14.88 -34.74 -4.26
C GLU A 113 -14.79 -33.24 -4.58
N LEU A 114 -13.89 -32.52 -3.90
CA LEU A 114 -13.76 -31.09 -4.15
C LEU A 114 -12.31 -30.66 -4.26
N THR A 115 -12.04 -29.74 -5.18
CA THR A 115 -10.69 -29.22 -5.40
C THR A 115 -10.49 -27.87 -4.69
N PHE A 116 -9.37 -27.75 -3.98
CA PHE A 116 -9.03 -26.52 -3.26
C PHE A 116 -7.61 -26.04 -3.55
N ILE A 117 -7.32 -24.83 -3.08
CA ILE A 117 -6.01 -24.22 -3.18
C ILE A 117 -5.58 -24.19 -1.72
N LYS A 118 -4.35 -24.61 -1.42
CA LYS A 118 -3.89 -24.65 -0.05
C LYS A 118 -3.86 -23.34 0.71
N THR A 119 -3.02 -22.40 0.31
CA THR A 119 -3.01 -21.12 1.01
C THR A 119 -2.22 -21.09 2.33
N ASN A 120 -1.71 -19.90 2.66
CA ASN A 120 -0.94 -19.65 3.86
C ASN A 120 -1.21 -18.26 4.42
N TYR A 121 -1.87 -18.18 5.56
CA TYR A 121 -2.13 -16.90 6.21
C TYR A 121 -0.93 -15.94 6.12
N TYR A 122 -1.16 -14.71 5.68
CA TYR A 122 -0.11 -13.69 5.61
C TYR A 122 -0.60 -12.39 6.25
N GLY A 123 0.14 -11.90 7.24
CA GLY A 123 -0.27 -10.69 7.92
C GLY A 123 -1.13 -11.05 9.11
N GLY A 124 -1.61 -10.04 9.83
CA GLY A 124 -2.44 -10.31 10.99
C GLY A 124 -3.89 -10.64 10.61
N ILE A 125 -4.08 -11.80 9.98
CA ILE A 125 -5.40 -12.24 9.56
C ILE A 125 -6.31 -12.52 10.75
N LYS A 126 -7.62 -12.39 10.53
CA LYS A 126 -8.61 -12.68 11.56
C LYS A 126 -9.39 -13.94 11.17
N LYS A 127 -8.64 -14.96 10.77
CA LYS A 127 -9.15 -16.26 10.35
C LYS A 127 -10.66 -16.43 10.15
N TYR A 128 -11.38 -16.46 11.25
CA TYR A 128 -12.81 -16.66 11.15
C TYR A 128 -13.50 -15.64 10.26
N GLN A 129 -12.84 -14.53 9.98
CA GLN A 129 -13.44 -13.50 9.13
C GLN A 129 -13.34 -13.83 7.65
N TRP A 130 -12.46 -14.76 7.31
CA TRP A 130 -12.26 -15.17 5.92
C TRP A 130 -13.09 -16.37 5.51
N LEU A 131 -13.79 -16.95 6.48
CA LEU A 131 -14.64 -18.10 6.24
C LEU A 131 -15.96 -17.66 5.62
N SER A 132 -16.42 -18.41 4.62
CA SER A 132 -17.68 -18.10 3.94
C SER A 132 -17.77 -16.66 3.43
N THR A 133 -16.74 -16.24 2.70
CA THR A 133 -16.69 -14.88 2.15
C THR A 133 -16.13 -14.94 0.73
N PRO A 134 -16.69 -14.13 -0.19
CA PRO A 134 -16.24 -14.09 -1.59
C PRO A 134 -14.79 -13.70 -1.67
N LEU A 135 -13.98 -14.58 -2.25
CA LEU A 135 -12.56 -14.32 -2.39
C LEU A 135 -12.17 -14.19 -3.86
N SER A 136 -11.06 -13.47 -4.09
CA SER A 136 -10.56 -13.25 -5.43
C SER A 136 -9.10 -13.73 -5.50
N ILE A 137 -8.81 -14.56 -6.50
CA ILE A 137 -7.47 -15.10 -6.68
C ILE A 137 -6.70 -14.15 -7.58
N ARG A 138 -5.47 -13.82 -7.18
CA ARG A 138 -4.64 -12.91 -7.96
C ARG A 138 -3.21 -13.40 -7.96
N GLY A 139 -2.64 -13.60 -9.13
CA GLY A 139 -1.27 -14.06 -9.13
C GLY A 139 -0.46 -13.87 -10.38
N VAL A 140 0.82 -14.23 -10.27
CA VAL A 140 1.76 -14.15 -11.36
C VAL A 140 2.28 -15.57 -11.45
N VAL A 141 2.26 -16.14 -12.65
CA VAL A 141 2.75 -17.49 -12.85
C VAL A 141 3.73 -17.62 -14.03
N PHE A 142 4.86 -18.28 -13.78
CA PHE A 142 5.85 -18.49 -14.83
C PHE A 142 5.77 -19.94 -15.27
N LEU A 143 5.62 -20.16 -16.56
CA LEU A 143 5.52 -21.50 -17.11
C LEU A 143 6.82 -22.30 -17.05
N LYS A 144 6.79 -23.48 -17.65
CA LYS A 144 7.97 -24.34 -17.68
C LYS A 144 9.06 -23.66 -18.49
N ASN A 145 8.65 -22.75 -19.36
CA ASN A 145 9.59 -22.00 -20.19
C ASN A 145 9.69 -20.55 -19.73
N GLY A 146 9.58 -20.34 -18.42
CA GLY A 146 9.69 -19.02 -17.84
C GLY A 146 8.81 -17.95 -18.46
N GLU A 147 7.69 -18.36 -19.06
CA GLU A 147 6.75 -17.43 -19.70
C GLU A 147 5.75 -16.92 -18.66
N LYS A 148 5.81 -15.62 -18.36
CA LYS A 148 4.92 -15.02 -17.37
C LYS A 148 3.45 -14.92 -17.80
N VAL A 149 2.57 -15.27 -16.87
CA VAL A 149 1.13 -15.24 -17.08
C VAL A 149 0.52 -14.54 -15.86
N GLU A 150 -0.57 -13.81 -16.05
CA GLU A 150 -1.21 -13.12 -14.93
C GLU A 150 -2.66 -13.53 -14.71
N ILE A 151 -3.02 -13.69 -13.44
CA ILE A 151 -4.37 -14.08 -13.09
C ILE A 151 -5.05 -13.04 -12.23
N ASN A 152 -6.34 -12.84 -12.46
CA ASN A 152 -7.13 -11.91 -11.68
C ASN A 152 -8.58 -12.34 -11.87
N ILE A 153 -9.07 -13.17 -10.95
CA ILE A 153 -10.44 -13.68 -10.99
C ILE A 153 -11.09 -13.44 -9.65
N GLY A 154 -12.35 -12.99 -9.70
CA GLY A 154 -13.07 -12.71 -8.48
C GLY A 154 -13.84 -11.43 -8.67
N ASP A 155 -13.14 -10.39 -9.11
CA ASP A 155 -13.79 -9.12 -9.38
C ASP A 155 -14.13 -9.27 -10.85
N ASN A 156 -14.38 -8.19 -11.60
CA ASN A 156 -14.74 -8.33 -13.02
C ASN A 156 -16.18 -8.84 -13.17
N GLU A 157 -16.81 -8.51 -14.29
CA GLU A 157 -18.18 -8.95 -14.52
C GLU A 157 -18.30 -10.44 -14.84
N ASN A 158 -19.33 -11.07 -14.28
CA ASN A 158 -19.61 -12.48 -14.51
C ASN A 158 -18.57 -13.39 -13.91
N ASP A 159 -17.53 -12.80 -13.36
CA ASP A 159 -16.46 -13.57 -12.75
C ASP A 159 -16.97 -14.43 -11.60
N PRO A 160 -16.45 -15.66 -11.48
CA PRO A 160 -16.87 -16.51 -10.38
C PRO A 160 -16.03 -16.15 -9.16
N VAL A 161 -16.42 -16.62 -7.99
CA VAL A 161 -15.67 -16.31 -6.79
C VAL A 161 -15.29 -17.61 -6.10
N PHE A 162 -14.44 -17.52 -5.08
CA PHE A 162 -14.02 -18.72 -4.37
C PHE A 162 -14.15 -18.50 -2.87
N VAL A 163 -14.45 -19.58 -2.14
CA VAL A 163 -14.64 -19.44 -0.71
C VAL A 163 -13.97 -20.50 0.13
N ILE A 164 -14.04 -20.30 1.45
CA ILE A 164 -13.49 -21.24 2.41
C ILE A 164 -14.68 -21.58 3.30
N PRO A 165 -15.35 -22.70 3.01
CA PRO A 165 -16.53 -23.18 3.74
C PRO A 165 -16.38 -23.19 5.26
N ASP A 166 -17.49 -23.36 5.97
CA ASP A 166 -17.45 -23.40 7.42
C ASP A 166 -18.51 -24.38 7.88
N ILE A 167 -18.49 -24.74 9.16
CA ILE A 167 -19.47 -25.67 9.70
C ILE A 167 -20.63 -24.93 10.38
N LEU A 168 -21.11 -25.46 11.50
CA LEU A 168 -22.21 -24.84 12.24
C LEU A 168 -22.51 -25.60 13.53
N ASN A 189 -7.57 -27.02 7.44
CA ASN A 189 -6.99 -25.69 7.59
C ASN A 189 -7.66 -24.70 6.62
N LEU A 190 -6.90 -23.68 6.20
CA LEU A 190 -7.41 -22.66 5.28
C LEU A 190 -7.31 -23.09 3.82
N LYS A 191 -8.42 -23.61 3.28
CA LYS A 191 -8.43 -24.07 1.91
C LYS A 191 -9.50 -23.38 1.08
N ILE A 192 -9.11 -22.87 -0.09
CA ILE A 192 -10.05 -22.17 -0.98
C ILE A 192 -10.68 -23.15 -1.95
N LEU A 193 -12.01 -23.17 -1.98
CA LEU A 193 -12.74 -24.05 -2.88
C LEU A 193 -12.55 -23.57 -4.33
N ILE A 194 -12.03 -24.46 -5.18
CA ILE A 194 -11.77 -24.16 -6.59
C ILE A 194 -12.74 -24.77 -7.59
N GLY A 195 -13.25 -25.96 -7.29
CA GLY A 195 -14.18 -26.59 -8.22
C GLY A 195 -14.71 -27.99 -7.88
N SER A 196 -15.84 -28.33 -8.49
CA SER A 196 -16.47 -29.62 -8.29
C SER A 196 -16.61 -30.33 -9.62
N LEU A 197 -17.64 -31.15 -9.79
CA LEU A 197 -17.88 -31.92 -11.01
C LEU A 197 -16.60 -32.43 -11.73
N PRO A 198 -16.42 -33.76 -11.78
CA PRO A 198 -15.29 -34.46 -12.40
C PRO A 198 -15.21 -34.50 -13.93
N ILE A 199 -14.22 -35.25 -14.39
CA ILE A 199 -13.93 -35.47 -15.80
C ILE A 199 -14.00 -37.00 -15.94
N GLU A 200 -14.46 -37.52 -17.07
CA GLU A 200 -14.55 -38.97 -17.22
C GLU A 200 -13.20 -39.59 -17.55
N THR A 201 -12.52 -40.09 -16.51
CA THR A 201 -11.21 -40.72 -16.67
C THR A 201 -10.96 -41.76 -15.57
N LYS A 202 -10.08 -42.71 -15.84
CA LYS A 202 -9.77 -43.74 -14.86
C LYS A 202 -8.70 -43.24 -13.90
N GLU A 203 -8.38 -41.95 -14.01
CA GLU A 203 -7.37 -41.36 -13.15
C GLU A 203 -7.88 -41.21 -11.71
N LYS A 204 -6.95 -41.04 -10.78
CA LYS A 204 -7.26 -40.89 -9.37
C LYS A 204 -8.35 -39.86 -9.08
N ASN A 205 -7.92 -38.71 -8.56
CA ASN A 205 -8.83 -37.62 -8.23
C ASN A 205 -9.35 -36.92 -9.48
N LYS A 206 -10.60 -37.22 -9.81
CA LYS A 206 -11.23 -36.69 -11.00
C LYS A 206 -11.57 -35.21 -10.95
N VAL A 207 -12.04 -34.74 -9.79
CA VAL A 207 -12.40 -33.34 -9.67
C VAL A 207 -11.15 -32.47 -9.80
N LYS A 208 -10.01 -32.99 -9.35
CA LYS A 208 -8.76 -32.25 -9.44
C LYS A 208 -8.35 -32.10 -10.90
N LEU A 209 -8.33 -33.21 -11.64
CA LEU A 209 -7.98 -33.15 -13.05
C LEU A 209 -8.94 -32.24 -13.79
N ALA A 210 -10.24 -32.52 -13.64
CA ALA A 210 -11.26 -31.73 -14.29
C ALA A 210 -10.92 -30.25 -14.17
N THR A 211 -10.71 -29.81 -12.94
CA THR A 211 -10.36 -28.42 -12.65
C THR A 211 -9.02 -28.02 -13.25
N LEU A 212 -8.05 -28.92 -13.17
CA LEU A 212 -6.73 -28.65 -13.71
C LEU A 212 -6.73 -28.40 -15.20
N GLN A 213 -7.61 -29.11 -15.92
CA GLN A 213 -7.69 -28.93 -17.36
C GLN A 213 -8.28 -27.56 -17.65
N LEU A 214 -9.22 -27.14 -16.82
CA LEU A 214 -9.84 -25.85 -17.02
C LEU A 214 -8.76 -24.78 -16.99
N ILE A 215 -8.00 -24.76 -15.90
CA ILE A 215 -6.92 -23.80 -15.70
C ILE A 215 -5.90 -23.85 -16.83
N LYS A 216 -5.66 -25.04 -17.36
CA LYS A 216 -4.71 -25.20 -18.43
C LYS A 216 -5.30 -24.64 -19.72
N GLU A 217 -6.56 -24.98 -19.97
CA GLU A 217 -7.24 -24.52 -21.17
C GLU A 217 -7.44 -23.01 -21.18
N LYS A 218 -7.65 -22.44 -20.01
CA LYS A 218 -7.88 -21.01 -19.87
C LYS A 218 -6.62 -20.18 -19.66
N TYR A 219 -5.63 -20.75 -18.99
CA TYR A 219 -4.41 -20.00 -18.68
C TYR A 219 -3.12 -20.58 -19.22
N LYS A 220 -3.18 -21.77 -19.80
CA LYS A 220 -2.00 -22.43 -20.34
C LYS A 220 -1.16 -22.94 -19.17
N ILE A 221 -1.71 -22.87 -17.96
CA ILE A 221 -0.97 -23.30 -16.78
C ILE A 221 -1.13 -24.77 -16.42
N GLU A 222 -0.01 -25.38 -16.05
CA GLU A 222 0.03 -26.78 -15.65
C GLU A 222 0.39 -26.83 -14.18
N GLU A 223 0.02 -27.92 -13.51
CA GLU A 223 0.39 -28.05 -12.12
C GLU A 223 1.91 -28.07 -12.16
N GLU A 224 2.53 -27.42 -11.19
CA GLU A 224 3.99 -27.29 -11.09
C GLU A 224 4.32 -25.88 -11.50
N ASP A 225 3.54 -25.34 -12.43
CA ASP A 225 3.78 -23.96 -12.79
C ASP A 225 3.48 -23.24 -11.47
N PHE A 226 2.76 -23.93 -10.59
CA PHE A 226 2.39 -23.35 -9.29
C PHE A 226 3.59 -23.19 -8.38
N VAL A 227 4.62 -24.01 -8.56
CA VAL A 227 5.84 -23.82 -7.77
C VAL A 227 6.22 -22.50 -8.41
N SER A 228 7.24 -21.80 -7.93
CA SER A 228 7.52 -20.50 -8.56
C SER A 228 6.16 -19.80 -8.48
N SER A 229 5.83 -18.97 -9.46
CA SER A 229 4.54 -18.26 -9.43
C SER A 229 4.28 -17.58 -8.07
N GLU A 230 3.39 -16.59 -8.04
CA GLU A 230 3.04 -15.92 -6.79
C GLU A 230 1.54 -15.66 -6.82
N ILE A 231 0.79 -16.42 -6.02
CA ILE A 231 -0.66 -16.30 -6.03
C ILE A 231 -1.26 -16.06 -4.65
N GLU A 232 -1.88 -14.90 -4.48
CA GLU A 232 -2.49 -14.55 -3.21
C GLU A 232 -4.00 -14.36 -3.32
N ILE A 233 -4.71 -14.89 -2.31
CA ILE A 233 -6.16 -14.81 -2.26
C ILE A 233 -6.57 -13.57 -1.46
N VAL A 234 -7.39 -12.74 -2.10
CA VAL A 234 -7.85 -11.47 -1.56
C VAL A 234 -9.37 -11.40 -1.45
N PRO A 235 -9.89 -10.60 -0.50
CA PRO A 235 -11.35 -10.47 -0.34
C PRO A 235 -11.89 -9.83 -1.62
N ALA A 236 -12.77 -10.53 -2.32
CA ALA A 236 -13.32 -9.99 -3.55
C ALA A 236 -14.34 -8.95 -3.18
N GLY A 237 -14.78 -8.17 -4.16
CA GLY A 237 -15.76 -7.15 -3.88
C GLY A 237 -15.23 -5.75 -4.10
N THR A 238 -16.13 -4.78 -4.06
CA THR A 238 -15.74 -3.39 -4.28
C THR A 238 -16.00 -2.55 -3.02
N ALA A 239 -15.22 -1.47 -2.87
CA ALA A 239 -15.34 -0.58 -1.73
C ALA A 239 -16.70 0.07 -1.73
N LYS A 240 -17.21 0.34 -0.53
CA LYS A 240 -18.54 0.93 -0.41
C LYS A 240 -18.56 2.11 0.55
N ASP A 241 -19.72 2.73 0.66
CA ASP A 241 -19.91 3.85 1.55
C ASP A 241 -20.61 3.28 2.79
N VAL A 242 -20.13 3.64 3.97
CA VAL A 242 -20.73 3.14 5.19
C VAL A 242 -21.64 4.16 5.88
N GLY A 243 -22.85 3.70 6.25
CA GLY A 243 -23.81 4.55 6.93
C GLY A 243 -24.72 5.39 6.07
N PHE A 244 -25.81 5.87 6.66
CA PHE A 244 -26.76 6.70 5.93
C PHE A 244 -26.11 7.97 5.41
N ASP A 245 -25.24 8.59 6.20
CA ASP A 245 -24.57 9.81 5.79
C ASP A 245 -23.42 9.59 4.82
N LYS A 246 -23.14 8.34 4.47
CA LYS A 246 -22.06 8.04 3.54
C LYS A 246 -20.74 8.74 3.94
N ALA A 247 -20.51 8.86 5.25
CA ALA A 247 -19.32 9.52 5.72
C ALA A 247 -18.15 8.57 6.00
N LEU A 248 -18.34 7.29 5.70
CA LEU A 248 -17.28 6.32 5.95
C LEU A 248 -17.05 5.40 4.78
N ILE A 249 -15.83 4.89 4.69
CA ILE A 249 -15.46 3.98 3.63
C ILE A 249 -15.05 2.67 4.28
N GLY A 250 -15.70 1.58 3.85
CA GLY A 250 -15.37 0.27 4.36
C GLY A 250 -14.77 -0.45 3.18
N ALA A 251 -13.52 -0.89 3.30
CA ALA A 251 -12.86 -1.61 2.21
C ALA A 251 -11.70 -2.46 2.72
N TYR A 252 -11.16 -3.30 1.82
CA TYR A 252 -10.05 -4.18 2.14
C TYR A 252 -8.75 -3.57 1.65
N GLY A 253 -7.73 -3.62 2.50
CA GLY A 253 -6.44 -3.09 2.12
C GLY A 253 -6.25 -1.71 2.69
N GLN A 254 -7.27 -1.22 3.39
CA GLN A 254 -7.19 0.09 3.99
C GLN A 254 -5.87 0.25 4.74
N ASP A 255 -5.35 -0.85 5.32
CA ASP A 255 -4.09 -0.76 6.03
C ASP A 255 -2.99 -0.28 5.11
N ASP A 256 -2.78 1.02 5.22
CA ASP A 256 -1.81 1.81 4.50
C ASP A 256 -2.04 2.10 3.04
N LYS A 257 -3.01 1.44 2.41
CA LYS A 257 -3.29 1.75 1.01
C LYS A 257 -3.93 3.15 0.98
N ILE A 258 -4.43 3.56 2.13
CA ILE A 258 -5.03 4.88 2.31
C ILE A 258 -3.87 5.87 2.35
N CYS A 259 -2.72 5.38 2.81
CA CYS A 259 -1.51 6.18 2.91
C CYS A 259 -0.71 6.13 1.63
N VAL A 260 -0.67 4.96 1.03
CA VAL A 260 0.01 4.81 -0.25
C VAL A 260 -0.65 5.85 -1.16
N PHE A 261 -1.97 5.79 -1.22
CA PHE A 261 -2.77 6.69 -2.04
C PHE A 261 -2.58 8.18 -1.73
N THR A 262 -2.83 8.56 -0.48
CA THR A 262 -2.71 9.96 -0.07
C THR A 262 -1.32 10.55 -0.23
N SER A 263 -0.29 9.78 0.08
CA SER A 263 1.06 10.31 -0.04
C SER A 263 1.40 10.47 -1.51
N LEU A 264 1.05 9.48 -2.33
CA LEU A 264 1.35 9.59 -3.75
C LEU A 264 0.72 10.86 -4.29
N GLU A 265 -0.53 11.12 -3.93
CA GLU A 265 -1.21 12.31 -4.40
C GLU A 265 -0.44 13.56 -3.97
N SER A 266 -0.27 13.74 -2.68
CA SER A 266 0.46 14.91 -2.20
C SER A 266 1.69 15.18 -3.09
N ILE A 267 2.57 14.20 -3.25
CA ILE A 267 3.74 14.46 -4.09
C ILE A 267 3.41 14.63 -5.55
N PHE A 268 2.48 13.83 -6.07
CA PHE A 268 2.12 13.95 -7.48
C PHE A 268 1.76 15.37 -7.89
N ASP A 269 2.26 15.76 -9.06
CA ASP A 269 2.04 17.09 -9.64
C ASP A 269 0.82 17.84 -9.12
N LEU A 270 0.89 18.20 -7.85
CA LEU A 270 -0.17 18.95 -7.18
C LEU A 270 0.61 20.10 -6.54
N GLU A 271 1.64 20.55 -7.24
CA GLU A 271 2.50 21.62 -6.76
C GLU A 271 3.37 22.31 -7.82
N GLU A 272 4.51 22.81 -7.35
CA GLU A 272 5.53 23.50 -8.14
C GLU A 272 6.84 23.16 -7.41
N THR A 273 7.96 23.07 -8.12
CA THR A 273 9.24 22.71 -7.49
C THR A 273 9.37 23.18 -6.04
N PRO A 274 9.69 22.25 -5.12
CA PRO A 274 9.83 22.53 -3.70
C PRO A 274 11.25 22.80 -3.22
N ASN A 275 11.36 23.54 -2.13
CA ASN A 275 12.68 23.80 -1.56
C ASN A 275 12.87 22.46 -0.88
N LYS A 276 14.02 21.82 -1.05
CA LYS A 276 14.28 20.52 -0.41
C LYS A 276 13.54 19.36 -1.10
N THR A 277 14.33 18.46 -1.68
CA THR A 277 13.83 17.31 -2.42
C THR A 277 12.75 16.47 -1.74
N ALA A 278 11.74 16.09 -2.53
CA ALA A 278 10.63 15.27 -2.03
C ALA A 278 10.74 13.81 -2.50
N ILE A 279 10.62 12.89 -1.56
CA ILE A 279 10.70 11.47 -1.85
C ILE A 279 9.42 10.84 -1.33
N CYS A 280 8.81 9.97 -2.12
CA CYS A 280 7.58 9.29 -1.70
C CYS A 280 7.81 7.81 -1.95
N PHE A 281 8.49 7.15 -1.01
CA PHE A 281 8.86 5.76 -1.16
C PHE A 281 7.85 4.69 -1.56
N LEU A 282 7.21 4.04 -0.59
CA LEU A 282 6.26 2.96 -0.85
C LEU A 282 7.06 1.68 -0.85
N VAL A 283 7.18 1.06 0.32
CA VAL A 283 7.94 -0.16 0.48
C VAL A 283 7.03 -1.37 0.66
N ASP A 284 7.62 -2.56 0.66
CA ASP A 284 6.87 -3.79 0.88
C ASP A 284 7.44 -4.39 2.16
N LYS A 285 6.57 -4.82 3.06
CA LYS A 285 7.02 -5.39 4.32
C LYS A 285 7.55 -6.80 4.14
N GLU A 286 7.20 -7.44 3.03
CA GLU A 286 7.68 -8.79 2.75
C GLU A 286 9.21 -8.68 2.65
N GLU A 287 9.66 -7.57 2.07
CA GLU A 287 11.09 -7.28 1.91
C GLU A 287 11.53 -6.48 3.12
N ILE A 288 10.63 -6.38 4.09
CA ILE A 288 10.84 -5.67 5.36
C ILE A 288 11.68 -4.40 5.20
N ASP A 297 14.33 -3.32 -0.30
CA ASP A 297 13.83 -2.12 0.36
C ASP A 297 14.70 -1.82 1.56
N SER A 298 15.04 -2.86 2.31
CA SER A 298 15.86 -2.76 3.50
C SER A 298 17.20 -2.05 3.24
N ARG A 299 17.58 -1.97 1.97
CA ARG A 299 18.84 -1.34 1.59
C ARG A 299 18.63 -0.50 0.33
N TYR A 300 17.53 -0.75 -0.36
CA TYR A 300 17.18 -0.04 -1.58
C TYR A 300 17.24 1.47 -1.39
N LEU A 301 16.89 1.93 -0.19
CA LEU A 301 16.91 3.35 0.10
C LEU A 301 18.34 3.87 -0.07
N GLU A 302 19.29 3.19 0.57
CA GLU A 302 20.69 3.58 0.50
C GLU A 302 21.16 3.64 -0.92
N TYR A 303 20.79 2.63 -1.70
CA TYR A 303 21.18 2.55 -3.09
C TYR A 303 20.66 3.67 -3.97
N PHE A 304 19.35 3.91 -3.95
CA PHE A 304 18.81 4.94 -4.82
C PHE A 304 19.09 6.35 -4.36
N VAL A 305 19.29 6.54 -3.06
CA VAL A 305 19.58 7.87 -2.57
C VAL A 305 21.02 8.21 -2.89
N SER A 306 21.89 7.20 -2.87
CA SER A 306 23.29 7.43 -3.17
C SER A 306 23.43 7.57 -4.67
N ASP A 307 22.44 7.08 -5.40
CA ASP A 307 22.45 7.18 -6.85
C ASP A 307 22.17 8.62 -7.27
N MSE A 308 21.22 9.25 -6.58
CA MSE A 308 20.83 10.63 -6.85
C MSE A 308 21.98 11.56 -6.54
O MSE A 308 22.24 12.54 -7.25
CB MSE A 308 19.65 11.02 -5.97
CG MSE A 308 18.39 10.25 -6.25
SE MSE A 308 17.06 10.67 -4.91
CE MSE A 308 16.53 12.42 -5.54
N ILE A 309 22.68 11.27 -5.45
CA ILE A 309 23.81 12.07 -5.03
C ILE A 309 24.96 12.01 -6.03
N PHE A 310 25.15 10.84 -6.63
CA PHE A 310 26.20 10.67 -7.61
C PHE A 310 25.84 11.43 -8.88
N LYS A 311 24.56 11.45 -9.23
CA LYS A 311 24.11 12.16 -10.42
C LYS A 311 24.35 13.65 -10.22
N ILE A 312 24.33 14.08 -8.97
CA ILE A 312 24.54 15.48 -8.66
C ILE A 312 26.02 15.88 -8.60
N LYS A 313 26.89 14.95 -8.19
CA LYS A 313 28.32 15.24 -8.15
C LYS A 313 29.13 14.11 -8.74
N LYS A 314 29.34 14.19 -10.05
CA LYS A 314 30.07 13.18 -10.78
C LYS A 314 31.45 12.90 -10.21
N SER A 315 32.47 13.47 -10.86
CA SER A 315 33.86 13.29 -10.46
C SER A 315 34.17 13.65 -9.00
N GLU A 316 33.19 14.20 -8.31
CA GLU A 316 33.36 14.60 -6.91
C GLU A 316 32.46 13.84 -5.94
N TYR A 317 31.79 12.80 -6.43
CA TYR A 317 30.91 11.99 -5.57
C TYR A 317 31.74 11.52 -4.41
N ASN A 318 31.08 10.97 -3.40
CA ASN A 318 31.79 10.50 -2.22
C ASN A 318 30.87 10.02 -1.10
N ASN A 319 31.11 8.78 -0.69
CA ASN A 319 30.38 8.09 0.37
C ASN A 319 29.90 8.97 1.52
N LEU A 320 30.78 9.86 1.99
CA LEU A 320 30.48 10.78 3.10
C LEU A 320 29.32 11.71 2.85
N HIS A 321 29.05 11.99 1.59
CA HIS A 321 27.89 12.79 1.26
C HIS A 321 26.86 11.70 1.49
N VAL A 322 25.64 11.83 1.01
CA VAL A 322 24.64 10.78 1.26
C VAL A 322 24.46 10.62 2.76
N GLN A 323 25.48 10.05 3.40
CA GLN A 323 25.50 9.87 4.85
C GLN A 323 25.02 11.19 5.46
N LYS A 324 25.54 12.30 4.92
CA LYS A 324 25.18 13.61 5.40
C LYS A 324 23.79 13.93 4.87
N ALA A 325 23.55 13.55 3.62
CA ALA A 325 22.25 13.80 3.00
C ALA A 325 21.16 13.12 3.82
N LEU A 326 21.36 11.84 4.11
CA LEU A 326 20.40 11.07 4.88
C LEU A 326 20.23 11.60 6.30
N TRP A 327 21.35 11.86 6.98
CA TRP A 327 21.30 12.36 8.35
C TRP A 327 20.52 13.64 8.52
N ASN A 328 20.37 14.42 7.46
CA ASN A 328 19.61 15.64 7.62
C ASN A 328 18.13 15.35 7.44
N SER A 329 17.78 14.80 6.28
CA SER A 329 16.39 14.44 5.94
C SER A 329 15.43 14.10 7.10
N LYS A 330 14.15 14.42 6.89
CA LYS A 330 13.10 14.14 7.85
C LYS A 330 12.11 13.23 7.14
N SER A 331 11.54 12.27 7.86
CA SER A 331 10.59 11.38 7.20
C SER A 331 9.34 11.12 8.02
N ILE A 332 8.26 10.81 7.29
CA ILE A 332 6.97 10.48 7.88
C ILE A 332 6.72 9.01 7.56
N SER A 333 6.16 8.26 8.50
CA SER A 333 5.85 6.87 8.23
C SER A 333 4.34 6.77 8.21
N ALA A 334 3.80 6.38 7.06
CA ALA A 334 2.37 6.26 6.83
C ALA A 334 1.52 5.28 7.66
N ASP A 335 1.70 3.98 7.45
CA ASP A 335 0.87 2.95 8.11
C ASP A 335 -0.06 3.49 9.18
N VAL A 336 -1.34 3.40 8.85
CA VAL A 336 -2.45 3.82 9.68
C VAL A 336 -2.38 3.16 11.07
N CYS A 337 -3.32 3.53 11.95
CA CYS A 337 -3.38 2.93 13.29
C CYS A 337 -4.82 2.60 13.65
N ALA A 338 -5.01 1.81 14.70
CA ALA A 338 -6.36 1.44 15.12
C ALA A 338 -7.08 2.58 15.82
N ALA A 339 -8.39 2.44 15.97
CA ALA A 339 -9.24 3.43 16.62
C ALA A 339 -10.05 2.73 17.73
N ILE A 340 -11.22 3.27 18.06
CA ILE A 340 -12.07 2.67 19.10
C ILE A 340 -13.49 2.34 18.60
N ASN A 341 -14.09 1.25 19.13
CA ASN A 341 -15.41 0.80 18.70
C ASN A 341 -16.68 1.34 19.42
N PRO A 342 -17.44 0.50 20.18
CA PRO A 342 -17.45 -0.92 20.58
C PRO A 342 -18.01 -1.85 19.50
N GLU A 350 -10.29 7.21 26.40
CA GLU A 350 -8.91 7.61 26.61
C GLU A 350 -8.55 8.82 25.76
N GLN A 351 -7.77 9.73 26.34
CA GLN A 351 -7.35 10.95 25.65
C GLN A 351 -6.13 10.70 24.76
N ASN A 352 -5.70 9.44 24.65
CA ASN A 352 -4.55 9.10 23.85
C ASN A 352 -4.84 8.11 22.70
N ALA A 353 -6.13 7.93 22.41
CA ALA A 353 -6.54 7.06 21.31
C ALA A 353 -7.22 7.99 20.30
N PRO A 354 -7.11 7.70 19.00
CA PRO A 354 -7.71 8.54 17.96
C PRO A 354 -9.17 8.22 17.71
N GLN A 355 -9.81 9.01 16.85
CA GLN A 355 -11.20 8.81 16.51
C GLN A 355 -11.41 9.16 15.04
N LEU A 356 -12.31 8.43 14.38
CA LEU A 356 -12.56 8.69 12.98
C LEU A 356 -13.02 10.10 12.67
N GLY A 357 -12.48 10.64 11.59
CA GLY A 357 -12.84 11.96 11.15
C GLY A 357 -12.46 13.08 12.09
N TYR A 358 -11.43 12.87 12.91
CA TYR A 358 -10.98 13.90 13.85
C TYR A 358 -9.59 14.47 13.59
N GLY A 359 -8.97 14.06 12.49
CA GLY A 359 -7.66 14.56 12.16
C GLY A 359 -6.64 13.46 11.99
N ILE A 360 -5.52 13.74 11.35
CA ILE A 360 -4.50 12.72 11.17
C ILE A 360 -3.84 12.59 12.53
N PRO A 361 -3.74 11.37 13.05
CA PRO A 361 -3.11 11.27 14.36
C PRO A 361 -1.59 11.11 14.31
N ILE A 362 -0.89 11.79 15.22
CA ILE A 362 0.55 11.69 15.30
C ILE A 362 0.77 10.54 16.28
N MSE A 363 1.10 9.36 15.76
CA MSE A 363 1.30 8.18 16.58
C MSE A 363 2.62 8.16 17.32
O MSE A 363 3.57 8.85 16.95
CB MSE A 363 1.21 6.93 15.72
CG MSE A 363 -0.11 6.77 15.02
SE MSE A 363 0.15 5.85 13.36
CE MSE A 363 0.46 4.06 14.02
N LYS A 364 2.67 7.33 18.36
CA LYS A 364 3.84 7.16 19.21
C LYS A 364 3.72 5.77 19.77
N TYR A 365 4.75 4.93 19.58
CA TYR A 365 4.67 3.57 20.08
C TYR A 365 5.16 3.48 21.53
N THR A 366 4.59 2.54 22.27
CA THR A 366 4.93 2.35 23.67
C THR A 366 4.96 0.87 24.07
N ASP A 378 11.53 12.34 19.59
CA ASP A 378 12.13 13.58 19.11
C ASP A 378 11.09 14.69 19.18
N ALA A 379 10.92 15.24 20.37
CA ALA A 379 9.96 16.31 20.59
C ALA A 379 10.15 17.45 19.61
N GLU A 380 11.39 17.72 19.24
CA GLU A 380 11.68 18.81 18.32
C GLU A 380 11.04 18.60 16.95
N LEU A 381 10.98 17.36 16.49
CA LEU A 381 10.36 17.09 15.21
C LEU A 381 8.86 17.21 15.40
N VAL A 382 8.36 16.66 16.51
CA VAL A 382 6.94 16.73 16.78
C VAL A 382 6.52 18.18 16.80
N SER A 383 7.36 19.03 17.38
CA SER A 383 7.09 20.45 17.45
C SER A 383 6.97 21.03 16.05
N TYR A 384 7.85 20.56 15.17
CA TYR A 384 7.91 21.01 13.78
C TYR A 384 6.62 20.69 13.04
N ILE A 385 6.02 19.55 13.37
CA ILE A 385 4.78 19.16 12.72
C ILE A 385 3.58 19.83 13.36
N ARG A 386 3.66 20.02 14.68
CA ARG A 386 2.59 20.68 15.42
C ARG A 386 2.38 22.00 14.71
N GLN A 387 3.43 22.81 14.71
CA GLN A 387 3.41 24.11 14.08
C GLN A 387 3.01 24.02 12.63
N LEU A 388 3.62 23.11 11.88
CA LEU A 388 3.32 22.96 10.47
C LEU A 388 1.84 22.73 10.25
N LEU A 389 1.26 21.79 10.98
CA LEU A 389 -0.16 21.50 10.82
C LEU A 389 -1.00 22.69 11.28
N ASN A 390 -0.78 23.14 12.51
CA ASN A 390 -1.52 24.26 13.05
C ASN A 390 -1.44 25.44 12.12
N LYS A 391 -0.23 25.70 11.63
CA LYS A 391 0.01 26.80 10.72
C LYS A 391 -1.02 26.76 9.60
N ASN A 392 -1.14 25.62 8.93
CA ASN A 392 -2.07 25.46 7.82
C ASN A 392 -3.50 25.14 8.24
N ASN A 393 -3.72 25.03 9.54
CA ASN A 393 -5.04 24.71 10.06
C ASN A 393 -5.49 23.33 9.63
N ILE A 394 -4.61 22.36 9.87
CA ILE A 394 -4.90 20.97 9.55
C ILE A 394 -5.22 20.32 10.89
N ALA A 395 -6.22 19.44 10.90
CA ALA A 395 -6.62 18.78 12.12
C ALA A 395 -5.81 17.52 12.44
N TRP A 396 -5.24 17.46 13.63
CA TRP A 396 -4.47 16.27 14.01
C TRP A 396 -4.91 15.68 15.33
N GLN A 397 -4.31 14.56 15.69
CA GLN A 397 -4.64 13.85 16.92
C GLN A 397 -3.38 13.23 17.51
N VAL A 398 -3.53 12.64 18.69
CA VAL A 398 -2.42 11.96 19.34
C VAL A 398 -2.85 10.50 19.46
N ALA A 399 -1.89 9.58 19.48
CA ALA A 399 -2.24 8.17 19.58
C ALA A 399 -1.10 7.35 20.14
N THR A 400 -1.40 6.57 21.18
CA THR A 400 -0.41 5.70 21.79
C THR A 400 -0.77 4.28 21.34
N LEU A 401 0.22 3.44 21.09
CA LEU A 401 -0.06 2.09 20.62
C LEU A 401 0.62 0.98 21.40
N GLY A 402 -0.09 -0.14 21.55
CA GLY A 402 0.46 -1.28 22.27
C GLY A 402 1.30 -2.18 21.39
N LYS A 403 0.66 -2.94 20.51
CA LYS A 403 1.40 -3.83 19.61
C LYS A 403 0.76 -3.96 18.24
N GLY A 409 4.72 -0.47 9.66
CA GLY A 409 4.40 0.61 10.56
C GLY A 409 5.54 0.87 11.54
N GLY A 410 5.72 -0.06 12.46
CA GLY A 410 6.80 0.05 13.43
C GLY A 410 8.09 -0.25 12.71
N THR A 411 8.06 -1.30 11.89
CA THR A 411 9.24 -1.70 11.12
C THR A 411 9.71 -0.54 10.26
N VAL A 412 8.78 0.13 9.58
CA VAL A 412 9.12 1.25 8.74
C VAL A 412 9.62 2.46 9.55
N ALA A 413 8.99 2.72 10.68
CA ALA A 413 9.42 3.81 11.54
C ALA A 413 10.88 3.53 11.80
N LYS A 414 11.19 2.31 12.27
CA LYS A 414 12.57 1.91 12.50
C LYS A 414 13.13 1.90 11.09
N PHE A 415 14.32 1.35 10.88
CA PHE A 415 14.85 1.28 9.53
C PHE A 415 15.11 2.69 8.95
N LEU A 416 14.06 3.50 8.90
CA LEU A 416 14.18 4.86 8.41
C LEU A 416 15.06 5.62 9.39
N ALA A 417 14.69 5.58 10.65
CA ALA A 417 15.46 6.25 11.69
C ALA A 417 16.85 5.61 11.76
N GLY A 418 16.95 4.37 11.30
CA GLY A 418 18.23 3.67 11.32
C GLY A 418 19.28 4.30 10.43
N TYR A 419 18.84 5.03 9.40
CA TYR A 419 19.76 5.69 8.48
C TYR A 419 20.18 7.07 8.94
N GLY A 420 19.43 7.64 9.88
CA GLY A 420 19.73 8.96 10.38
C GLY A 420 18.58 9.92 10.14
N ILE A 421 17.65 9.48 9.31
CA ILE A 421 16.50 10.27 8.97
C ILE A 421 15.61 10.47 10.19
N ARG A 422 15.31 11.72 10.55
CA ARG A 422 14.43 11.99 11.68
C ARG A 422 13.02 11.59 11.27
N THR A 423 12.45 10.57 11.91
CA THR A 423 11.13 10.11 11.55
C THR A 423 10.00 10.41 12.56
N ILE A 424 8.76 10.34 12.06
CA ILE A 424 7.54 10.58 12.85
C ILE A 424 6.43 9.71 12.27
N ASP A 425 5.58 9.16 13.14
CA ASP A 425 4.49 8.29 12.69
C ASP A 425 3.16 9.00 12.49
N MSE A 426 2.68 9.01 11.25
CA MSE A 426 1.41 9.64 10.95
C MSE A 426 0.63 8.96 9.85
O MSE A 426 1.10 8.82 8.73
CB MSE A 426 1.64 11.10 10.55
CG MSE A 426 2.21 11.95 11.64
SE MSE A 426 2.48 13.70 10.95
CE MSE A 426 4.25 13.44 10.24
N GLY A 427 -0.59 8.56 10.19
CA GLY A 427 -1.46 7.91 9.24
C GLY A 427 -2.86 8.00 9.82
N PRO A 428 -3.91 7.82 9.00
CA PRO A 428 -5.30 7.88 9.47
C PRO A 428 -5.57 6.89 10.60
N ALA A 429 -6.84 6.71 10.94
CA ALA A 429 -7.21 5.76 11.99
C ALA A 429 -8.23 4.77 11.42
N VAL A 430 -8.03 3.48 11.71
CA VAL A 430 -8.90 2.44 11.18
C VAL A 430 -9.73 1.62 12.17
N ILE A 431 -10.90 1.17 11.71
CA ILE A 431 -11.80 0.32 12.49
C ILE A 431 -11.87 -1.04 11.78
N SER A 432 -12.15 -2.10 12.54
CA SER A 432 -12.18 -3.46 12.01
C SER A 432 -10.91 -3.60 11.19
N MSE A 433 -9.77 -3.28 11.81
CA MSE A 433 -8.50 -3.36 11.11
C MSE A 433 -8.11 -4.77 10.73
O MSE A 433 -8.44 -5.74 11.41
CB MSE A 433 -7.38 -2.73 11.93
CG MSE A 433 -6.07 -2.60 11.16
SE MSE A 433 -4.81 -1.41 11.99
CE MSE A 433 -3.33 -2.62 12.27
N HIS A 434 -7.38 -4.90 9.63
CA HIS A 434 -6.94 -6.19 9.13
C HIS A 434 -8.08 -7.13 8.87
N SER A 435 -9.24 -6.58 8.55
CA SER A 435 -10.40 -7.39 8.24
C SER A 435 -10.77 -7.04 6.80
N PRO A 436 -11.59 -7.88 6.16
CA PRO A 436 -12.01 -7.62 4.77
C PRO A 436 -12.76 -6.31 4.58
N MSE A 437 -13.08 -5.62 5.68
CA MSE A 437 -13.81 -4.36 5.64
C MSE A 437 -13.31 -3.39 6.71
O MSE A 437 -13.94 -3.25 7.76
CB MSE A 437 -15.30 -4.57 5.84
CG MSE A 437 -16.11 -4.81 4.59
SE MSE A 437 -17.60 -3.58 4.45
CE MSE A 437 -17.41 -3.11 2.58
N GLU A 438 -12.19 -2.73 6.44
CA GLU A 438 -11.64 -1.77 7.38
C GLU A 438 -12.39 -0.46 7.21
N ILE A 439 -12.87 0.12 8.31
CA ILE A 439 -13.63 1.37 8.22
C ILE A 439 -12.80 2.62 8.46
N THR A 440 -12.87 3.57 7.53
CA THR A 440 -12.13 4.82 7.64
C THR A 440 -13.03 6.00 7.35
N SER A 441 -12.58 7.20 7.73
CA SER A 441 -13.36 8.40 7.49
C SER A 441 -12.90 9.13 6.21
N LYS A 442 -13.85 9.68 5.48
CA LYS A 442 -13.52 10.42 4.28
C LYS A 442 -12.81 11.70 4.66
N PHE A 443 -13.20 12.30 5.78
CA PHE A 443 -12.57 13.52 6.23
C PHE A 443 -11.10 13.27 6.52
N ASP A 444 -10.80 12.13 7.14
CA ASP A 444 -9.42 11.78 7.46
C ASP A 444 -8.64 11.56 6.16
N LEU A 445 -9.29 10.92 5.20
CA LEU A 445 -8.67 10.63 3.91
C LEU A 445 -8.08 11.91 3.33
N TYR A 446 -8.92 12.93 3.17
CA TYR A 446 -8.48 14.20 2.61
C TYR A 446 -7.51 14.88 3.57
N ASN A 447 -7.79 14.79 4.86
CA ASN A 447 -6.95 15.38 5.90
C ASN A 447 -5.51 14.89 5.81
N ALA A 448 -5.32 13.59 5.61
CA ALA A 448 -3.98 13.01 5.50
C ALA A 448 -3.22 13.62 4.33
N TYR A 449 -3.91 13.71 3.20
CA TYR A 449 -3.36 14.26 1.98
C TYR A 449 -2.89 15.69 2.20
N LEU A 450 -3.58 16.41 3.08
CA LEU A 450 -3.24 17.80 3.39
C LEU A 450 -2.07 17.87 4.33
N ALA A 451 -2.02 16.92 5.26
CA ALA A 451 -0.94 16.81 6.26
C ALA A 451 0.34 16.54 5.50
N TYR A 452 0.30 15.52 4.67
CA TYR A 452 1.42 15.20 3.80
C TYR A 452 1.33 16.41 2.87
N LYS A 453 2.20 16.53 1.90
CA LYS A 453 2.08 17.70 1.02
C LYS A 453 2.43 18.93 1.85
N ALA A 454 1.53 19.34 2.74
CA ALA A 454 1.84 20.49 3.60
C ALA A 454 3.27 20.28 4.12
N PHE A 455 3.60 19.02 4.37
CA PHE A 455 4.89 18.56 4.86
C PHE A 455 5.94 18.70 3.77
N TYR A 456 5.62 18.19 2.60
CA TYR A 456 6.50 18.24 1.44
C TYR A 456 6.87 19.68 1.12
N ARG A 457 5.94 20.59 1.38
CA ARG A 457 6.15 22.01 1.08
C ARG A 457 6.66 22.86 2.26
N GLU A 458 7.42 22.27 3.17
CA GLU A 458 7.94 23.00 4.33
C GLU A 458 8.53 24.36 3.96
#